data_4C0C
#
_entry.id   4C0C
#
_cell.length_a   128.528
_cell.length_b   128.528
_cell.length_c   116.721
_cell.angle_alpha   90.00
_cell.angle_beta   90.00
_cell.angle_gamma   120.00
#
_symmetry.space_group_name_H-M   'P 63 2 2'
#
loop_
_entity.id
_entity.type
_entity.pdbx_description
1 polymer 'STEROL 14-ALPHA DEMETHYLASE'
2 non-polymer 'PROTOPORPHYRIN IX CONTAINING FE'
3 non-polymer 4-[4-[2,4-bis(fluoranyl)phenyl]piperazin-1-yl]-2-fluoranyl-N-[(2R)-3-(1H-indol-3-yl)-1-oxidanylidene-1-(pyridin-4-ylamino)propan-2-yl]benzamide
4 non-polymer 'SULFATE ION'
5 non-polymer GLYCEROL
6 water water
#
_entity_poly.entity_id   1
_entity_poly.type   'polypeptide(L)'
_entity_poly.pdbx_seq_one_letter_code
;MAKKTSSKGKLPPVYPVTVPFLGHIVQFGKNPLEFMQRCKRDLKSGVFTISIGGQRVTIVGDPHEHSRFFSPRNEILSPR
EVYTIMTPVFGEGVAYAAPYPRMREQLNFLAEELTIAKFQNFVPAIQHEVRKFMAENWKEDEGVINLLEDCGAMIINTAC
QCLFGEDLRKRLNARHFAQLLSKMESSLIPAAVFMPWLLRLPLPQSARCREARAELQKILGEIIVAREKEEASKDNNTSD
LLGGLLKAVYRDGTRMSLHEVCGMIVAAMFAGQHTSTITTSWSMLHLMHPKNKKWLDKLHKEIDEFPAQLNYDNVMDEMP
FAERCVRESIRRDPPLLMVMRMVKAEVKVGSYVVPKGDIIACSPLLSHHDEEAFPNPRLWDPERDEKVDGAFIGFGAGVH
KCIGQKFALLQVKTILATAFREYDFQLLRDEVPDPDYHTMVVGPTLNQCLVKYTRKKKLPSHHHHHH
;
_entity_poly.pdbx_strand_id   A
#
# COMPACT_ATOMS: atom_id res chain seq x y z
N GLY A 9 -18.62 15.05 -28.05
CA GLY A 9 -18.25 15.05 -26.59
C GLY A 9 -18.07 16.44 -25.90
N LYS A 10 -18.40 16.49 -24.62
CA LYS A 10 -18.04 17.60 -23.77
C LYS A 10 -16.79 17.20 -22.92
N LEU A 11 -15.75 18.02 -23.04
CA LEU A 11 -14.51 17.90 -22.26
C LEU A 11 -14.79 18.39 -20.85
N PRO A 12 -14.22 17.74 -19.87
CA PRO A 12 -14.27 18.34 -18.56
C PRO A 12 -13.69 19.78 -18.56
N PRO A 13 -14.11 20.61 -17.64
CA PRO A 13 -13.46 21.88 -17.54
C PRO A 13 -12.01 21.81 -17.04
N VAL A 14 -11.23 22.86 -17.36
CA VAL A 14 -9.75 22.88 -17.27
C VAL A 14 -9.25 24.07 -16.51
N TYR A 15 -8.43 23.82 -15.50
CA TYR A 15 -7.80 24.86 -14.65
C TYR A 15 -6.71 25.42 -15.58
N PRO A 16 -6.63 26.73 -15.70
CA PRO A 16 -5.80 27.13 -16.81
C PRO A 16 -4.31 26.94 -16.44
N VAL A 17 -3.51 26.76 -17.48
CA VAL A 17 -2.16 26.34 -17.34
C VAL A 17 -1.31 27.36 -16.58
N THR A 18 -0.53 26.86 -15.61
CA THR A 18 0.36 27.66 -14.79
C THR A 18 1.83 27.60 -15.25
N VAL A 19 2.57 28.64 -14.91
CA VAL A 19 3.88 28.83 -15.48
C VAL A 19 5.08 28.03 -14.81
N PRO A 20 5.22 27.97 -13.48
CA PRO A 20 6.32 27.23 -12.87
C PRO A 20 6.31 25.78 -13.35
N PHE A 21 7.50 25.26 -13.69
CA PHE A 21 7.54 23.93 -14.23
C PHE A 21 7.15 22.89 -13.14
N LEU A 22 6.07 22.14 -13.35
CA LEU A 22 5.63 21.10 -12.40
C LEU A 22 5.26 21.69 -11.08
N GLY A 23 4.75 22.92 -11.14
CA GLY A 23 4.51 23.70 -9.94
C GLY A 23 3.36 23.12 -9.09
N HIS A 24 2.37 22.52 -9.74
CA HIS A 24 1.31 21.86 -9.04
C HIS A 24 1.73 20.62 -8.20
N ILE A 25 2.85 19.98 -8.57
CA ILE A 25 3.38 18.96 -7.70
C ILE A 25 3.82 19.49 -6.36
N VAL A 26 4.37 20.70 -6.30
CA VAL A 26 4.69 21.31 -4.99
C VAL A 26 3.48 21.47 -4.09
N GLN A 27 2.38 21.92 -4.66
CA GLN A 27 1.10 22.01 -3.90
C GLN A 27 0.57 20.66 -3.52
N PHE A 28 0.72 19.69 -4.40
CA PHE A 28 0.29 18.36 -4.09
C PHE A 28 1.11 17.70 -2.96
N GLY A 29 2.36 18.16 -2.78
CA GLY A 29 3.22 17.63 -1.73
C GLY A 29 3.07 18.37 -0.39
N LYS A 30 2.29 19.44 -0.35
CA LYS A 30 2.19 20.33 0.80
C LYS A 30 0.76 20.32 1.33
N ASN A 31 -0.18 20.65 0.47
CA ASN A 31 -1.57 20.48 0.82
C ASN A 31 -2.38 19.90 -0.30
N PRO A 32 -2.24 18.58 -0.57
CA PRO A 32 -3.07 18.02 -1.68
C PRO A 32 -4.58 18.14 -1.56
N LEU A 33 -5.13 18.04 -0.35
CA LEU A 33 -6.58 18.01 -0.22
C LEU A 33 -7.17 19.35 -0.64
N GLU A 34 -6.55 20.41 -0.16
CA GLU A 34 -6.99 21.77 -0.31
C GLU A 34 -6.83 22.16 -1.77
N PHE A 35 -5.68 21.81 -2.34
CA PHE A 35 -5.47 22.00 -3.77
C PHE A 35 -6.59 21.39 -4.61
N MET A 36 -6.88 20.12 -4.43
CA MET A 36 -7.96 19.51 -5.19
C MET A 36 -9.40 20.07 -4.90
N GLN A 37 -9.71 20.36 -3.64
CA GLN A 37 -11.00 21.01 -3.28
C GLN A 37 -11.15 22.37 -3.96
N ARG A 38 -10.13 23.20 -3.93
CA ARG A 38 -10.06 24.43 -4.75
C ARG A 38 -10.36 24.21 -6.24
N CYS A 39 -9.69 23.25 -6.87
CA CYS A 39 -9.98 22.96 -8.26
C CYS A 39 -11.48 22.65 -8.45
N LYS A 40 -12.02 21.90 -7.52
CA LYS A 40 -13.38 21.44 -7.64
C LYS A 40 -14.39 22.60 -7.49
N ARG A 41 -14.15 23.43 -6.50
CA ARG A 41 -14.98 24.57 -6.20
C ARG A 41 -14.89 25.59 -7.34
N ASP A 42 -13.67 26.09 -7.62
CA ASP A 42 -13.44 27.11 -8.66
C ASP A 42 -14.06 26.75 -9.99
N LEU A 43 -14.05 25.47 -10.36
CA LEU A 43 -14.60 25.06 -11.66
C LEU A 43 -16.06 24.52 -11.52
N LYS A 44 -16.62 24.45 -10.31
CA LYS A 44 -18.02 23.97 -10.14
C LYS A 44 -18.29 22.63 -10.82
N SER A 45 -17.37 21.69 -10.58
CA SER A 45 -17.45 20.37 -11.17
C SER A 45 -16.52 19.41 -10.43
N GLY A 46 -17.04 18.20 -10.17
CA GLY A 46 -16.30 17.16 -9.48
C GLY A 46 -15.37 16.43 -10.43
N VAL A 47 -15.58 16.62 -11.71
CA VAL A 47 -14.74 16.06 -12.74
C VAL A 47 -14.07 17.25 -13.46
N PHE A 48 -12.75 17.31 -13.45
CA PHE A 48 -12.00 18.49 -13.85
C PHE A 48 -10.59 18.06 -14.23
N THR A 49 -9.91 18.94 -14.97
CA THR A 49 -8.68 18.58 -15.60
C THR A 49 -7.67 19.65 -15.15
N ILE A 50 -6.45 19.22 -14.80
CA ILE A 50 -5.31 20.09 -14.66
C ILE A 50 -4.21 19.63 -15.61
N SER A 51 -3.25 20.52 -15.80
CA SER A 51 -2.13 20.33 -16.69
C SER A 51 -0.86 20.38 -15.87
N ILE A 52 -0.13 19.28 -15.86
CA ILE A 52 1.10 19.21 -15.16
C ILE A 52 2.18 18.84 -16.16
N GLY A 53 3.14 19.74 -16.35
CA GLY A 53 4.23 19.44 -17.31
C GLY A 53 3.75 19.15 -18.70
N GLY A 54 2.66 19.78 -19.11
CA GLY A 54 2.14 19.55 -20.45
C GLY A 54 1.21 18.35 -20.56
N GLN A 55 1.02 17.63 -19.46
CA GLN A 55 0.20 16.43 -19.46
C GLN A 55 -1.10 16.71 -18.72
N ARG A 56 -2.19 16.54 -19.41
CA ARG A 56 -3.51 16.68 -18.84
C ARG A 56 -3.78 15.52 -17.87
N VAL A 57 -4.26 15.90 -16.70
CA VAL A 57 -4.65 14.98 -15.63
C VAL A 57 -6.11 15.31 -15.29
N THR A 58 -6.99 14.35 -15.55
CA THR A 58 -8.40 14.51 -15.23
C THR A 58 -8.74 13.64 -13.99
N ILE A 59 -9.18 14.33 -12.97
CA ILE A 59 -9.54 13.83 -11.67
C ILE A 59 -11.09 13.70 -11.53
N VAL A 60 -11.49 12.46 -11.27
CA VAL A 60 -12.91 12.09 -10.97
C VAL A 60 -13.04 12.28 -9.49
N GLY A 61 -13.39 13.48 -9.12
CA GLY A 61 -13.56 13.85 -7.75
C GLY A 61 -15.03 13.82 -7.31
N ASP A 62 -15.88 13.11 -8.06
CA ASP A 62 -17.28 12.88 -7.59
C ASP A 62 -17.49 11.42 -7.13
N PRO A 63 -17.69 11.19 -5.82
CA PRO A 63 -17.85 9.78 -5.27
C PRO A 63 -18.91 8.95 -5.99
N HIS A 64 -19.90 9.61 -6.51
CA HIS A 64 -20.94 8.92 -7.20
C HIS A 64 -20.51 8.35 -8.48
N GLU A 65 -19.38 8.78 -9.07
CA GLU A 65 -18.94 8.28 -10.41
C GLU A 65 -17.77 7.32 -10.37
N HIS A 66 -17.51 6.78 -9.19
CA HIS A 66 -16.37 5.90 -9.03
C HIS A 66 -16.41 4.75 -9.97
N SER A 67 -17.61 4.25 -10.25
CA SER A 67 -17.75 3.08 -11.11
C SER A 67 -17.19 3.29 -12.53
N ARG A 68 -17.33 4.48 -13.06
N ARG A 68 -17.31 4.51 -13.00
CA ARG A 68 -16.77 4.73 -14.41
CA ARG A 68 -16.85 4.86 -14.36
C ARG A 68 -15.26 4.53 -14.31
C ARG A 68 -15.31 4.98 -14.40
N PHE A 69 -14.64 5.06 -13.24
CA PHE A 69 -13.16 5.01 -13.16
C PHE A 69 -12.70 3.59 -13.00
N PHE A 70 -13.31 2.82 -12.05
CA PHE A 70 -12.81 1.49 -11.72
C PHE A 70 -13.31 0.37 -12.58
N SER A 71 -14.32 0.58 -13.41
CA SER A 71 -14.73 -0.54 -14.27
C SER A 71 -13.87 -0.94 -15.43
N PRO A 72 -13.26 0.02 -16.14
CA PRO A 72 -12.75 -0.40 -17.44
C PRO A 72 -11.52 -1.33 -17.37
N ARG A 73 -11.36 -2.20 -18.36
CA ARG A 73 -10.20 -3.16 -18.49
C ARG A 73 -8.82 -2.48 -18.75
N ASN A 74 -7.67 -3.12 -18.43
CA ASN A 74 -6.33 -2.49 -18.53
C ASN A 74 -6.01 -2.10 -19.96
N GLU A 75 -6.53 -2.84 -20.93
CA GLU A 75 -6.40 -2.47 -22.36
C GLU A 75 -6.91 -1.06 -22.51
N ILE A 76 -7.96 -0.69 -21.78
CA ILE A 76 -8.48 0.70 -22.01
C ILE A 76 -8.23 1.88 -20.97
N LEU A 77 -8.08 1.59 -19.69
CA LEU A 77 -7.50 2.54 -18.77
C LEU A 77 -6.29 1.81 -18.30
N SER A 78 -5.15 2.13 -18.84
CA SER A 78 -3.97 1.27 -18.71
C SER A 78 -3.14 1.89 -17.55
N PRO A 79 -2.53 1.04 -16.72
CA PRO A 79 -1.60 1.48 -15.69
C PRO A 79 -0.17 1.46 -16.21
N ARG A 80 0.07 0.84 -17.38
CA ARG A 80 1.44 0.70 -17.86
C ARG A 80 2.16 2.04 -17.98
N GLU A 81 1.53 3.00 -18.64
CA GLU A 81 2.26 4.24 -18.97
C GLU A 81 2.47 5.09 -17.74
N VAL A 82 1.64 4.92 -16.72
CA VAL A 82 1.81 5.78 -15.56
C VAL A 82 2.86 5.23 -14.58
N TYR A 83 3.25 3.97 -14.75
CA TYR A 83 4.17 3.29 -13.85
C TYR A 83 5.47 2.88 -14.52
N THR A 84 5.75 3.56 -15.60
CA THR A 84 7.06 3.47 -16.20
C THR A 84 8.19 3.74 -15.21
N ILE A 85 8.01 4.63 -14.24
CA ILE A 85 9.09 4.86 -13.27
C ILE A 85 9.51 3.55 -12.58
N MET A 86 8.68 2.50 -12.58
CA MET A 86 8.97 1.33 -11.76
C MET A 86 9.69 0.23 -12.50
N THR A 87 9.77 0.31 -13.84
CA THR A 87 10.39 -0.74 -14.66
C THR A 87 11.82 -1.20 -14.29
N PRO A 88 12.72 -0.25 -13.92
CA PRO A 88 14.05 -0.64 -13.45
C PRO A 88 14.04 -1.47 -12.13
N VAL A 89 13.12 -1.12 -11.25
CA VAL A 89 13.06 -1.80 -10.01
C VAL A 89 12.41 -3.18 -10.10
N PHE A 90 11.36 -3.36 -10.90
CA PHE A 90 10.70 -4.66 -11.00
C PHE A 90 11.17 -5.52 -12.17
N GLY A 91 11.68 -4.89 -13.23
CA GLY A 91 12.22 -5.59 -14.35
C GLY A 91 11.38 -5.42 -15.60
N GLU A 92 12.04 -5.51 -16.75
CA GLU A 92 11.35 -5.49 -18.06
C GLU A 92 10.52 -6.75 -18.13
N GLY A 93 9.36 -6.67 -18.77
CA GLY A 93 8.51 -7.83 -18.90
C GLY A 93 7.86 -8.28 -17.59
N VAL A 94 7.94 -7.47 -16.54
CA VAL A 94 7.26 -7.79 -15.28
C VAL A 94 6.10 -6.84 -14.96
N ALA A 95 4.98 -7.40 -14.50
CA ALA A 95 3.85 -6.63 -14.02
C ALA A 95 3.44 -5.56 -15.07
N TYR A 96 3.33 -4.32 -14.65
CA TYR A 96 2.83 -3.23 -15.47
C TYR A 96 3.68 -3.10 -16.73
N ALA A 97 4.93 -3.55 -16.70
CA ALA A 97 5.77 -3.53 -17.89
C ALA A 97 5.61 -4.75 -18.85
N ALA A 98 4.64 -5.63 -18.62
CA ALA A 98 4.44 -6.82 -19.45
C ALA A 98 3.31 -6.52 -20.41
N PRO A 99 3.33 -7.19 -21.57
CA PRO A 99 2.13 -7.13 -22.46
C PRO A 99 0.84 -7.45 -21.66
N TYR A 100 -0.27 -6.81 -22.01
CA TYR A 100 -1.52 -6.95 -21.21
C TYR A 100 -1.89 -8.38 -20.81
N PRO A 101 -1.84 -9.33 -21.75
CA PRO A 101 -2.22 -10.67 -21.32
C PRO A 101 -1.30 -11.27 -20.20
N ARG A 102 0.00 -11.13 -20.35
CA ARG A 102 0.95 -11.66 -19.39
C ARG A 102 0.79 -10.88 -18.08
N MET A 103 0.68 -9.55 -18.18
CA MET A 103 0.40 -8.68 -17.05
C MET A 103 -0.69 -9.23 -16.19
N ARG A 104 -1.84 -9.53 -16.82
CA ARG A 104 -3.02 -10.06 -16.14
C ARG A 104 -2.73 -11.40 -15.50
N GLU A 105 -1.98 -12.23 -16.18
CA GLU A 105 -1.73 -13.57 -15.63
C GLU A 105 -0.78 -13.49 -14.45
N GLN A 106 0.25 -12.63 -14.55
CA GLN A 106 1.27 -12.46 -13.47
C GLN A 106 0.63 -11.91 -12.17
N LEU A 107 -0.10 -10.83 -12.29
CA LEU A 107 -0.85 -10.25 -11.20
C LEU A 107 -1.74 -11.25 -10.56
N ASN A 108 -2.46 -12.01 -11.37
CA ASN A 108 -3.26 -13.07 -10.84
C ASN A 108 -2.49 -14.15 -10.12
N PHE A 109 -1.28 -14.49 -10.60
CA PHE A 109 -0.51 -15.50 -9.91
C PHE A 109 -0.09 -15.00 -8.55
N LEU A 110 0.23 -13.70 -8.44
CA LEU A 110 0.57 -13.16 -7.14
C LEU A 110 -0.72 -13.16 -6.30
N ALA A 111 -1.85 -12.78 -6.87
CA ALA A 111 -3.12 -12.72 -6.09
C ALA A 111 -3.42 -14.06 -5.52
N GLU A 112 -3.23 -15.10 -6.35
CA GLU A 112 -3.41 -16.48 -5.86
C GLU A 112 -2.51 -16.87 -4.69
N GLU A 113 -1.29 -16.35 -4.63
CA GLU A 113 -0.45 -16.69 -3.51
C GLU A 113 -0.88 -16.00 -2.17
N LEU A 114 -1.73 -15.01 -2.24
CA LEU A 114 -2.06 -14.20 -1.09
C LEU A 114 -3.59 -14.23 -0.86
N THR A 115 -4.20 -15.39 -1.17
CA THR A 115 -5.62 -15.60 -0.83
C THR A 115 -5.71 -16.10 0.59
N ILE A 116 -6.86 -15.85 1.23
CA ILE A 116 -7.08 -16.34 2.61
C ILE A 116 -6.82 -17.85 2.69
N ALA A 117 -7.19 -18.52 1.62
CA ALA A 117 -6.85 -19.92 1.48
C ALA A 117 -5.38 -20.28 1.75
N LYS A 118 -4.43 -19.37 1.55
CA LYS A 118 -2.97 -19.68 1.65
C LYS A 118 -2.30 -19.28 3.01
N PHE A 119 -3.09 -18.76 3.93
CA PHE A 119 -2.52 -18.18 5.11
C PHE A 119 -2.33 -19.15 6.29
N GLN A 120 -2.43 -20.46 6.09
CA GLN A 120 -2.22 -21.37 7.22
C GLN A 120 -0.88 -21.03 7.87
N ASN A 121 -0.87 -20.94 9.19
CA ASN A 121 0.37 -20.69 9.97
C ASN A 121 0.92 -19.25 9.93
N PHE A 122 0.23 -18.36 9.24
CA PHE A 122 0.67 -16.99 9.16
C PHE A 122 0.49 -16.26 10.48
N VAL A 123 -0.67 -16.40 11.11
CA VAL A 123 -0.87 -15.70 12.40
C VAL A 123 0.16 -16.10 13.46
N PRO A 124 0.46 -17.42 13.60
CA PRO A 124 1.53 -17.77 14.52
C PRO A 124 2.92 -17.27 14.09
N ALA A 125 3.23 -17.31 12.79
CA ALA A 125 4.50 -16.75 12.32
C ALA A 125 4.59 -15.26 12.64
N ILE A 126 3.54 -14.52 12.36
CA ILE A 126 3.50 -13.10 12.71
C ILE A 126 3.65 -12.84 14.20
N GLN A 127 2.85 -13.52 15.01
CA GLN A 127 2.92 -13.37 16.50
C GLN A 127 4.30 -13.69 17.02
N HIS A 128 4.88 -14.75 16.50
CA HIS A 128 6.26 -15.05 16.83
C HIS A 128 7.23 -13.90 16.53
N GLU A 129 7.20 -13.28 15.34
CA GLU A 129 8.17 -12.20 15.08
C GLU A 129 7.93 -11.00 15.88
N VAL A 130 6.68 -10.74 16.14
CA VAL A 130 6.33 -9.51 16.87
C VAL A 130 6.83 -9.64 18.31
N ARG A 131 6.56 -10.82 18.87
CA ARG A 131 7.06 -11.12 20.20
C ARG A 131 8.56 -11.13 20.25
N LYS A 132 9.22 -11.75 19.27
CA LYS A 132 10.68 -11.63 19.20
C LYS A 132 11.10 -10.12 19.19
N PHE A 133 10.47 -9.29 18.37
CA PHE A 133 10.79 -7.89 18.29
C PHE A 133 10.57 -7.14 19.63
N MET A 134 9.41 -7.28 20.20
CA MET A 134 9.09 -6.64 21.47
C MET A 134 10.12 -7.02 22.58
N ALA A 135 10.45 -8.30 22.67
CA ALA A 135 11.51 -8.75 23.60
C ALA A 135 12.93 -8.21 23.30
N GLU A 136 13.29 -8.04 22.03
CA GLU A 136 14.56 -7.41 21.70
C GLU A 136 14.52 -5.91 21.93
N ASN A 137 13.40 -5.24 21.67
CA ASN A 137 13.46 -3.77 21.60
C ASN A 137 12.67 -3.05 22.62
N TRP A 138 11.67 -3.72 23.16
CA TRP A 138 10.78 -3.08 24.12
C TRP A 138 10.96 -3.78 25.48
N LYS A 139 12.23 -3.97 25.85
CA LYS A 139 12.71 -4.84 27.00
C LYS A 139 12.32 -4.42 28.41
N GLU A 140 12.12 -3.13 28.60
CA GLU A 140 12.02 -2.59 29.93
C GLU A 140 10.59 -2.63 30.43
N ASP A 141 10.38 -2.09 31.61
CA ASP A 141 9.03 -1.91 32.11
C ASP A 141 8.42 -0.76 31.32
N GLU A 142 9.25 0.11 30.77
CA GLU A 142 8.81 1.44 30.30
C GLU A 142 9.87 1.90 29.31
N GLY A 143 9.54 2.69 28.26
CA GLY A 143 10.60 3.20 27.32
C GLY A 143 10.08 3.97 26.08
N VAL A 144 10.98 4.66 25.41
CA VAL A 144 10.61 5.57 24.35
C VAL A 144 11.06 4.98 23.03
N ILE A 145 10.16 5.00 22.04
CA ILE A 145 10.42 4.45 20.72
C ILE A 145 9.85 5.35 19.62
N ASN A 146 10.34 5.20 18.41
CA ASN A 146 9.66 5.80 17.26
C ASN A 146 8.73 4.72 16.70
N LEU A 147 7.48 4.98 16.89
CA LEU A 147 6.48 4.01 16.53
C LEU A 147 6.46 3.73 15.03
N LEU A 148 6.70 4.75 14.20
CA LEU A 148 6.70 4.53 12.73
C LEU A 148 7.79 3.61 12.26
N GLU A 149 9.01 3.85 12.73
CA GLU A 149 10.14 2.95 12.41
C GLU A 149 9.96 1.57 12.98
N ASP A 150 9.41 1.44 14.18
CA ASP A 150 9.30 0.06 14.74
C ASP A 150 8.17 -0.74 14.03
N CYS A 151 7.03 -0.12 13.78
CA CYS A 151 6.02 -0.78 12.95
C CYS A 151 6.64 -1.23 11.63
N GLY A 152 7.53 -0.42 11.04
CA GLY A 152 8.12 -0.70 9.75
C GLY A 152 8.98 -1.94 9.78
N ALA A 153 9.80 -2.03 10.82
CA ALA A 153 10.58 -3.21 11.14
C ALA A 153 9.71 -4.42 11.38
N MET A 154 8.62 -4.27 12.11
CA MET A 154 7.72 -5.42 12.37
C MET A 154 7.04 -5.89 11.05
N ILE A 155 6.67 -4.95 10.19
CA ILE A 155 5.99 -5.28 8.92
C ILE A 155 6.93 -6.09 8.02
N ILE A 156 8.18 -5.69 7.90
CA ILE A 156 9.08 -6.40 7.04
C ILE A 156 9.45 -7.74 7.72
N ASN A 157 9.77 -7.72 9.02
CA ASN A 157 10.12 -8.98 9.69
C ASN A 157 8.98 -10.02 9.59
N THR A 158 7.75 -9.61 9.90
CA THR A 158 6.59 -10.49 9.78
C THR A 158 6.22 -10.96 8.34
N ALA A 159 6.23 -10.06 7.39
CA ALA A 159 6.12 -10.50 6.01
C ALA A 159 7.16 -11.54 5.62
N CYS A 160 8.41 -11.33 5.98
CA CYS A 160 9.44 -12.29 5.60
C CYS A 160 9.17 -13.67 6.26
N GLN A 161 8.61 -13.70 7.47
CA GLN A 161 8.39 -15.04 8.10
C GLN A 161 7.26 -15.75 7.45
N CYS A 162 6.26 -15.02 6.97
CA CYS A 162 5.13 -15.63 6.36
C CYS A 162 5.44 -16.09 4.97
N LEU A 163 6.20 -15.30 4.22
CA LEU A 163 6.29 -15.50 2.78
C LEU A 163 7.48 -16.31 2.33
N PHE A 164 8.53 -16.36 3.12
CA PHE A 164 9.76 -16.94 2.69
C PHE A 164 10.15 -18.12 3.58
N GLY A 165 10.67 -19.17 2.97
CA GLY A 165 11.12 -20.32 3.74
C GLY A 165 12.38 -19.99 4.44
N GLU A 166 12.65 -20.79 5.48
CA GLU A 166 13.82 -20.66 6.34
C GLU A 166 15.15 -20.61 5.61
N ASP A 167 15.24 -21.40 4.54
CA ASP A 167 16.48 -21.44 3.77
C ASP A 167 16.67 -20.08 3.04
N LEU A 168 15.56 -19.49 2.62
CA LEU A 168 15.63 -18.25 1.91
C LEU A 168 16.00 -17.21 2.95
N ARG A 169 15.27 -17.19 4.08
CA ARG A 169 15.60 -16.20 5.12
C ARG A 169 17.00 -16.29 5.64
N LYS A 170 17.57 -17.49 5.67
CA LYS A 170 18.97 -17.64 6.07
C LYS A 170 19.95 -16.90 5.15
N ARG A 171 19.66 -16.83 3.85
CA ARG A 171 20.54 -16.17 2.90
C ARG A 171 20.16 -14.68 2.70
N LEU A 172 18.91 -14.33 2.98
CA LEU A 172 18.40 -13.01 2.69
C LEU A 172 17.47 -12.61 3.82
N ASN A 173 18.00 -11.99 4.84
CA ASN A 173 17.13 -11.65 5.98
C ASN A 173 16.40 -10.32 5.84
N ALA A 174 15.49 -10.04 6.76
CA ALA A 174 14.57 -8.93 6.63
C ALA A 174 15.33 -7.61 6.53
N ARG A 175 16.41 -7.50 7.27
CA ARG A 175 17.21 -6.32 7.24
C ARG A 175 17.83 -6.11 5.89
N HIS A 176 18.32 -7.16 5.26
CA HIS A 176 18.86 -7.02 3.91
C HIS A 176 17.75 -6.72 2.91
N PHE A 177 16.60 -7.34 3.12
CA PHE A 177 15.50 -7.08 2.25
C PHE A 177 15.13 -5.62 2.35
N ALA A 178 14.99 -5.11 3.60
CA ALA A 178 14.59 -3.74 3.87
C ALA A 178 15.51 -2.74 3.18
N GLN A 179 16.82 -3.04 3.25
CA GLN A 179 17.83 -2.17 2.64
C GLN A 179 17.68 -2.11 1.18
N LEU A 180 17.56 -3.29 0.59
CA LEU A 180 17.42 -3.36 -0.87
C LEU A 180 16.16 -2.56 -1.34
N LEU A 181 15.01 -2.78 -0.74
CA LEU A 181 13.78 -2.01 -1.09
C LEU A 181 13.96 -0.50 -0.91
N SER A 182 14.62 -0.13 0.16
CA SER A 182 14.88 1.24 0.47
C SER A 182 15.85 1.85 -0.54
N LYS A 183 16.88 1.12 -0.92
CA LYS A 183 17.78 1.61 -1.96
C LYS A 183 16.98 1.83 -3.25
N MET A 184 16.13 0.88 -3.61
CA MET A 184 15.35 0.94 -4.85
C MET A 184 14.46 2.14 -4.82
N GLU A 185 13.80 2.38 -3.69
CA GLU A 185 12.89 3.52 -3.63
C GLU A 185 13.66 4.83 -3.86
N SER A 186 14.89 4.89 -3.35
CA SER A 186 15.68 6.10 -3.40
C SER A 186 16.10 6.48 -4.83
N SER A 187 16.03 5.51 -5.73
CA SER A 187 16.37 5.70 -7.09
C SER A 187 15.23 6.23 -8.00
N LEU A 188 14.04 6.38 -7.47
CA LEU A 188 12.87 6.75 -8.27
C LEU A 188 12.72 8.24 -8.39
N ILE A 189 12.05 8.66 -9.45
CA ILE A 189 11.65 10.08 -9.56
C ILE A 189 10.11 10.09 -9.69
N PRO A 190 9.37 10.15 -8.58
CA PRO A 190 7.90 10.15 -8.73
C PRO A 190 7.31 11.21 -9.65
N ALA A 191 7.96 12.36 -9.79
CA ALA A 191 7.45 13.38 -10.69
C ALA A 191 7.50 13.06 -12.14
N ALA A 192 8.29 12.06 -12.49
CA ALA A 192 8.46 11.64 -13.83
C ALA A 192 7.25 10.89 -14.41
N VAL A 193 6.26 10.59 -13.58
CA VAL A 193 4.90 10.28 -14.10
C VAL A 193 4.46 11.39 -15.09
N PHE A 194 4.87 12.64 -14.82
CA PHE A 194 4.56 13.79 -15.69
C PHE A 194 5.72 14.21 -16.59
N MET A 195 6.71 13.33 -16.72
CA MET A 195 7.89 13.59 -17.55
C MET A 195 8.24 12.34 -18.32
N PRO A 196 7.31 11.88 -19.13
CA PRO A 196 7.62 10.62 -19.88
C PRO A 196 8.84 10.70 -20.79
N TRP A 197 9.09 11.86 -21.34
CA TRP A 197 10.35 12.11 -22.11
C TRP A 197 11.60 11.81 -21.29
N LEU A 198 11.54 11.96 -19.97
CA LEU A 198 12.77 11.74 -19.18
C LEU A 198 13.15 10.28 -19.10
N LEU A 199 12.12 9.48 -18.97
CA LEU A 199 12.29 8.08 -18.81
C LEU A 199 12.73 7.43 -20.10
N ARG A 200 12.73 8.15 -21.21
CA ARG A 200 13.37 7.60 -22.42
C ARG A 200 14.87 7.89 -22.47
N LEU A 201 15.39 8.70 -21.57
CA LEU A 201 16.83 9.01 -21.59
C LEU A 201 17.64 8.05 -20.69
N PRO A 202 18.94 7.84 -20.94
CA PRO A 202 19.67 6.98 -19.96
C PRO A 202 19.76 7.59 -18.58
N LEU A 203 19.43 6.84 -17.53
CA LEU A 203 19.55 7.32 -16.14
C LEU A 203 20.47 6.34 -15.42
N PRO A 204 21.56 6.81 -14.83
CA PRO A 204 22.49 5.89 -14.20
C PRO A 204 21.91 5.10 -13.04
N GLN A 205 21.07 5.73 -12.29
CA GLN A 205 20.49 5.06 -11.12
C GLN A 205 19.69 3.86 -11.61
N SER A 206 19.18 3.93 -12.85
CA SER A 206 18.41 2.82 -13.38
C SER A 206 19.27 1.59 -13.58
N ALA A 207 20.41 1.73 -14.23
CA ALA A 207 21.34 0.61 -14.34
C ALA A 207 21.70 0.07 -12.95
N ARG A 208 21.90 0.92 -11.95
CA ARG A 208 22.32 0.40 -10.65
C ARG A 208 21.29 -0.53 -10.01
N CYS A 209 20.03 -0.16 -10.12
CA CYS A 209 18.96 -0.90 -9.55
C CYS A 209 18.79 -2.24 -10.20
N ARG A 210 19.11 -2.33 -11.48
CA ARG A 210 18.94 -3.56 -12.20
C ARG A 210 20.02 -4.55 -11.80
N GLU A 211 21.23 -4.07 -11.55
CA GLU A 211 22.26 -4.92 -10.98
C GLU A 211 21.88 -5.40 -9.58
N ALA A 212 21.44 -4.49 -8.71
CA ALA A 212 20.94 -4.92 -7.42
C ALA A 212 19.89 -6.05 -7.53
N ARG A 213 18.95 -5.91 -8.46
CA ARG A 213 17.88 -6.93 -8.58
C ARG A 213 18.46 -8.20 -9.18
N ALA A 214 19.46 -8.06 -10.03
CA ALA A 214 20.10 -9.21 -10.62
C ALA A 214 20.87 -10.00 -9.55
N GLU A 215 21.42 -9.32 -8.55
CA GLU A 215 22.05 -9.96 -7.43
C GLU A 215 21.01 -10.75 -6.61
N LEU A 216 19.87 -10.14 -6.33
CA LEU A 216 18.74 -10.83 -5.71
C LEU A 216 18.34 -12.07 -6.49
N GLN A 217 18.18 -11.95 -7.80
CA GLN A 217 17.88 -13.08 -8.68
C GLN A 217 18.88 -14.25 -8.58
N LYS A 218 20.14 -13.92 -8.45
CA LYS A 218 21.18 -14.91 -8.22
C LYS A 218 20.92 -15.70 -6.93
N ILE A 219 20.66 -14.99 -5.85
CA ILE A 219 20.37 -15.67 -4.60
C ILE A 219 19.19 -16.56 -4.74
N LEU A 220 18.12 -16.06 -5.37
CA LEU A 220 16.96 -16.85 -5.53
C LEU A 220 17.27 -18.13 -6.34
N GLY A 221 18.00 -18.00 -7.44
CA GLY A 221 18.42 -19.16 -8.22
C GLY A 221 19.15 -20.21 -7.38
N GLU A 222 20.06 -19.78 -6.51
CA GLU A 222 20.89 -20.72 -5.75
C GLU A 222 19.98 -21.48 -4.80
N ILE A 223 19.04 -20.78 -4.19
CA ILE A 223 18.06 -21.41 -3.34
C ILE A 223 17.25 -22.49 -4.01
N ILE A 224 16.77 -22.21 -5.21
CA ILE A 224 16.06 -23.21 -5.99
C ILE A 224 16.95 -24.41 -6.32
N VAL A 225 18.19 -24.18 -6.71
CA VAL A 225 19.06 -25.32 -7.02
C VAL A 225 19.26 -26.17 -5.77
N ALA A 226 19.44 -25.52 -4.63
CA ALA A 226 19.64 -26.26 -3.36
C ALA A 226 18.39 -27.03 -2.94
N ARG A 227 17.22 -26.40 -3.11
CA ARG A 227 15.97 -27.10 -2.79
C ARG A 227 15.77 -28.27 -3.74
N GLU A 228 16.16 -28.14 -5.01
CA GLU A 228 15.86 -29.17 -6.00
C GLU A 228 16.74 -30.37 -5.76
N LYS A 229 17.89 -30.16 -5.14
CA LYS A 229 18.79 -31.28 -4.85
C LYS A 229 18.71 -31.80 -3.42
N GLU A 230 17.62 -31.54 -2.68
CA GLU A 230 17.45 -32.11 -1.32
C GLU A 230 16.00 -32.52 -0.97
N GLU A 231 15.11 -32.77 -1.95
CA GLU A 231 13.65 -32.81 -1.66
C GLU A 231 12.97 -34.18 -1.56
N ALA A 232 11.89 -34.22 -0.77
CA ALA A 232 10.98 -35.36 -0.65
C ALA A 232 9.91 -35.00 0.41
N SER A 233 8.85 -34.27 0.01
CA SER A 233 7.78 -33.77 0.94
C SER A 233 6.39 -34.27 0.57
N THR A 238 9.11 -25.92 -1.15
CA THR A 238 8.73 -24.93 -2.15
C THR A 238 7.18 -24.76 -2.10
N SER A 239 6.67 -24.43 -0.91
CA SER A 239 5.31 -23.93 -0.79
C SER A 239 5.39 -22.53 -0.16
N ASP A 240 6.57 -21.92 -0.12
CA ASP A 240 6.64 -20.47 0.20
C ASP A 240 6.23 -19.65 -1.05
N LEU A 241 6.42 -18.34 -1.01
CA LEU A 241 5.98 -17.51 -2.17
C LEU A 241 6.80 -17.82 -3.40
N LEU A 242 8.08 -17.97 -3.20
CA LEU A 242 8.99 -18.30 -4.29
C LEU A 242 8.57 -19.63 -4.94
N GLY A 243 8.48 -20.64 -4.09
CA GLY A 243 7.96 -21.96 -4.51
C GLY A 243 6.61 -21.93 -5.22
N GLY A 244 5.61 -21.26 -4.64
CA GLY A 244 4.32 -21.12 -5.30
C GLY A 244 4.42 -20.49 -6.69
N LEU A 245 5.13 -19.37 -6.79
CA LEU A 245 5.12 -18.63 -8.03
C LEU A 245 5.83 -19.45 -9.10
N LEU A 246 6.93 -20.11 -8.75
CA LEU A 246 7.64 -21.04 -9.68
C LEU A 246 6.82 -22.20 -10.19
N LYS A 247 5.71 -22.48 -9.55
CA LYS A 247 4.85 -23.54 -10.01
C LYS A 247 3.70 -22.99 -10.80
N ALA A 248 3.61 -21.66 -11.03
CA ALA A 248 2.47 -21.18 -11.79
C ALA A 248 2.64 -21.51 -13.28
N VAL A 249 1.52 -21.74 -13.97
CA VAL A 249 1.53 -22.11 -15.39
C VAL A 249 0.64 -21.18 -16.17
N TYR A 250 1.19 -20.50 -17.16
CA TYR A 250 0.39 -19.54 -17.96
C TYR A 250 -0.69 -20.29 -18.79
N ARG A 251 -1.59 -19.57 -19.43
CA ARG A 251 -2.67 -20.18 -20.29
C ARG A 251 -2.08 -21.04 -21.44
N ASP A 252 -0.97 -20.56 -22.01
CA ASP A 252 -0.24 -21.32 -23.02
C ASP A 252 0.53 -22.54 -22.52
N GLY A 253 0.68 -22.75 -21.22
CA GLY A 253 1.36 -23.97 -20.77
C GLY A 253 2.80 -23.79 -20.40
N THR A 254 3.34 -22.57 -20.50
CA THR A 254 4.66 -22.32 -19.96
C THR A 254 4.64 -21.78 -18.50
N ARG A 255 5.84 -21.68 -17.92
CA ARG A 255 6.07 -21.21 -16.55
C ARG A 255 6.58 -19.78 -16.55
N MET A 256 6.46 -19.10 -15.39
CA MET A 256 7.02 -17.74 -15.27
C MET A 256 8.50 -17.97 -15.30
N SER A 257 9.26 -17.02 -15.76
CA SER A 257 10.71 -17.12 -15.71
C SER A 257 11.15 -16.75 -14.30
N LEU A 258 12.32 -17.20 -13.88
CA LEU A 258 12.83 -16.78 -12.61
C LEU A 258 12.94 -15.23 -12.57
N HIS A 259 13.32 -14.62 -13.68
CA HIS A 259 13.32 -13.16 -13.82
C HIS A 259 11.99 -12.61 -13.45
N GLU A 260 10.95 -13.17 -14.04
CA GLU A 260 9.60 -12.68 -13.74
C GLU A 260 9.22 -12.94 -12.27
N VAL A 261 9.59 -14.09 -11.72
CA VAL A 261 9.27 -14.44 -10.30
C VAL A 261 9.92 -13.47 -9.33
N CYS A 262 11.19 -13.24 -9.51
CA CYS A 262 12.00 -12.30 -8.78
C CYS A 262 11.41 -10.89 -8.78
N GLY A 263 11.00 -10.47 -9.97
CA GLY A 263 10.31 -9.21 -10.12
C GLY A 263 9.01 -9.13 -9.35
N MET A 264 8.21 -10.21 -9.37
CA MET A 264 6.91 -10.16 -8.70
C MET A 264 7.05 -10.17 -7.16
N ILE A 265 8.08 -10.83 -6.66
CA ILE A 265 8.40 -10.86 -5.23
C ILE A 265 8.83 -9.46 -4.76
N VAL A 266 9.69 -8.81 -5.56
CA VAL A 266 10.10 -7.45 -5.26
C VAL A 266 8.90 -6.53 -5.20
N ALA A 267 8.00 -6.70 -6.15
CA ALA A 267 6.84 -5.80 -6.25
C ALA A 267 5.90 -6.01 -5.08
N ALA A 268 5.80 -7.24 -4.64
CA ALA A 268 4.96 -7.54 -3.50
C ALA A 268 5.53 -6.96 -2.21
N MET A 269 6.83 -7.12 -2.00
CA MET A 269 7.45 -6.63 -0.80
C MET A 269 7.42 -5.08 -0.87
N PHE A 270 7.77 -4.51 -2.03
CA PHE A 270 7.80 -3.05 -2.20
C PHE A 270 6.43 -2.49 -1.95
N ALA A 271 5.38 -3.15 -2.46
CA ALA A 271 4.04 -2.59 -2.26
C ALA A 271 3.61 -2.44 -0.81
N GLY A 272 3.95 -3.43 0.02
CA GLY A 272 3.45 -3.54 1.39
C GLY A 272 4.29 -2.82 2.39
N GLN A 273 5.54 -2.49 2.05
CA GLN A 273 6.47 -1.95 3.07
C GLN A 273 6.04 -0.66 3.77
N HIS A 274 5.56 0.34 3.03
CA HIS A 274 5.08 1.54 3.63
C HIS A 274 3.61 1.56 3.90
N THR A 275 2.81 1.09 2.92
CA THR A 275 1.34 1.12 3.10
C THR A 275 0.92 0.42 4.38
N SER A 276 1.41 -0.78 4.62
CA SER A 276 0.99 -1.54 5.79
C SER A 276 1.60 -0.96 7.08
N THR A 277 2.84 -0.53 6.99
CA THR A 277 3.49 0.12 8.08
C THR A 277 2.72 1.33 8.53
N ILE A 278 2.37 2.18 7.58
CA ILE A 278 1.62 3.38 7.86
C ILE A 278 0.26 3.10 8.43
N THR A 279 -0.39 2.11 7.91
CA THR A 279 -1.71 1.84 8.38
C THR A 279 -1.65 1.36 9.91
N THR A 280 -0.69 0.50 10.20
CA THR A 280 -0.46 0.02 11.58
C THR A 280 -0.24 1.22 12.47
N SER A 281 0.67 2.08 12.06
CA SER A 281 0.99 3.23 12.86
C SER A 281 -0.17 4.13 13.15
N TRP A 282 -0.90 4.55 12.10
CA TRP A 282 -2.03 5.37 12.34
C TRP A 282 -3.03 4.68 13.32
N SER A 283 -3.32 3.43 13.04
CA SER A 283 -4.26 2.74 13.84
C SER A 283 -3.86 2.79 15.38
N MET A 284 -2.59 2.50 15.67
CA MET A 284 -2.06 2.46 17.03
C MET A 284 -2.08 3.83 17.57
N LEU A 285 -1.73 4.85 16.75
CA LEU A 285 -1.72 6.28 17.14
C LEU A 285 -3.07 6.87 17.59
N HIS A 286 -4.11 6.56 16.83
CA HIS A 286 -5.50 6.89 17.20
C HIS A 286 -5.95 6.15 18.52
N LEU A 287 -5.74 4.84 18.58
CA LEU A 287 -6.17 4.03 19.70
C LEU A 287 -5.50 4.39 21.08
N MET A 288 -4.25 4.83 21.08
CA MET A 288 -3.54 5.30 22.29
C MET A 288 -3.84 6.75 22.68
N HIS A 289 -4.40 7.51 21.74
CA HIS A 289 -4.81 8.88 22.01
C HIS A 289 -5.90 8.92 23.11
N PRO A 290 -5.77 9.82 24.12
CA PRO A 290 -6.67 9.70 25.30
C PRO A 290 -8.11 9.95 24.96
N LYS A 291 -8.38 10.96 24.16
CA LYS A 291 -9.77 11.18 23.77
C LYS A 291 -10.40 9.93 23.07
N ASN A 292 -9.62 8.93 22.68
CA ASN A 292 -10.18 7.71 22.09
C ASN A 292 -10.25 6.52 23.04
N LYS A 293 -10.13 6.78 24.35
CA LYS A 293 -10.04 5.65 25.30
C LYS A 293 -11.20 4.67 25.21
N LYS A 294 -12.35 5.24 24.95
CA LYS A 294 -13.58 4.52 24.72
C LYS A 294 -13.39 3.41 23.66
N TRP A 295 -12.69 3.73 22.56
CA TRP A 295 -12.40 2.73 21.48
C TRP A 295 -11.26 1.77 21.87
N LEU A 296 -10.27 2.28 22.57
CA LEU A 296 -9.28 1.39 23.14
C LEU A 296 -9.93 0.29 24.07
N ASP A 297 -10.80 0.75 24.98
CA ASP A 297 -11.46 -0.19 25.94
C ASP A 297 -12.20 -1.24 25.15
N LYS A 298 -13.02 -0.75 24.22
CA LYS A 298 -13.66 -1.63 23.21
C LYS A 298 -12.72 -2.59 22.50
N LEU A 299 -11.56 -2.10 22.05
CA LEU A 299 -10.56 -3.04 21.46
C LEU A 299 -10.05 -4.15 22.45
N HIS A 300 -9.75 -3.74 23.67
CA HIS A 300 -9.28 -4.73 24.73
C HIS A 300 -10.30 -5.80 25.04
N LYS A 301 -11.57 -5.38 25.11
CA LYS A 301 -12.66 -6.29 25.35
C LYS A 301 -12.60 -7.34 24.30
N GLU A 302 -12.54 -6.91 23.03
CA GLU A 302 -12.46 -7.87 21.91
C GLU A 302 -11.23 -8.75 22.00
N ILE A 303 -10.08 -8.16 22.31
CA ILE A 303 -8.82 -8.98 22.37
C ILE A 303 -8.83 -9.99 23.51
N ASP A 304 -9.38 -9.59 24.64
CA ASP A 304 -9.33 -10.42 25.85
C ASP A 304 -10.24 -11.64 25.67
N GLU A 305 -11.20 -11.56 24.74
CA GLU A 305 -12.04 -12.72 24.38
C GLU A 305 -11.24 -13.89 23.81
N PHE A 306 -9.91 -13.78 23.75
CA PHE A 306 -9.09 -14.65 22.90
C PHE A 306 -7.89 -15.03 23.72
N PRO A 307 -7.35 -16.23 23.49
CA PRO A 307 -6.11 -16.62 24.15
C PRO A 307 -4.88 -15.79 23.75
N ALA A 308 -3.72 -16.26 24.17
CA ALA A 308 -2.46 -15.64 23.82
C ALA A 308 -2.16 -16.00 22.39
N GLN A 309 -2.18 -17.30 22.07
CA GLN A 309 -1.93 -17.75 20.69
C GLN A 309 -3.17 -17.50 19.87
N LEU A 310 -3.07 -16.63 18.86
CA LEU A 310 -4.22 -16.39 18.02
C LEU A 310 -4.18 -17.31 16.82
N ASN A 311 -5.23 -17.28 16.03
CA ASN A 311 -5.21 -18.01 14.76
C ASN A 311 -5.96 -17.20 13.79
N TYR A 312 -5.98 -17.71 12.56
CA TYR A 312 -6.58 -17.02 11.44
C TYR A 312 -8.01 -16.59 11.75
N ASP A 313 -8.80 -17.56 12.19
CA ASP A 313 -10.22 -17.32 12.46
C ASP A 313 -10.50 -16.19 13.42
N ASN A 314 -9.74 -16.14 14.51
CA ASN A 314 -9.82 -15.03 15.52
C ASN A 314 -9.59 -13.67 14.87
N VAL A 315 -8.52 -13.60 14.07
CA VAL A 315 -8.04 -12.31 13.61
C VAL A 315 -8.93 -11.80 12.50
N MET A 316 -9.10 -12.64 11.52
CA MET A 316 -9.84 -12.29 10.32
C MET A 316 -11.37 -12.39 10.46
N ASP A 317 -11.90 -13.41 11.12
CA ASP A 317 -13.38 -13.57 11.25
C ASP A 317 -13.95 -12.96 12.57
N GLU A 318 -13.19 -13.09 13.66
CA GLU A 318 -13.70 -12.69 14.99
C GLU A 318 -13.17 -11.38 15.59
N MET A 319 -12.68 -10.46 14.74
CA MET A 319 -12.29 -9.13 15.23
C MET A 319 -12.91 -7.95 14.48
N PRO A 320 -14.23 -7.88 14.49
CA PRO A 320 -14.90 -6.83 13.71
C PRO A 320 -14.58 -5.45 14.17
N PHE A 321 -14.16 -5.28 15.41
CA PHE A 321 -13.98 -3.91 15.84
C PHE A 321 -12.58 -3.37 15.46
N ALA A 322 -11.61 -4.25 15.61
CA ALA A 322 -10.24 -4.00 15.20
C ALA A 322 -10.25 -3.67 13.71
N GLU A 323 -11.10 -4.37 12.94
CA GLU A 323 -11.33 -4.08 11.50
C GLU A 323 -11.85 -2.69 11.30
N ARG A 324 -12.87 -2.26 12.04
CA ARG A 324 -13.33 -0.88 11.86
C ARG A 324 -12.24 0.17 12.17
N CYS A 325 -11.39 -0.11 13.16
CA CYS A 325 -10.32 0.81 13.53
C CYS A 325 -9.32 0.95 12.37
N VAL A 326 -8.94 -0.18 11.77
CA VAL A 326 -7.92 -0.16 10.75
C VAL A 326 -8.56 0.55 9.50
N ARG A 327 -9.78 0.18 9.18
CA ARG A 327 -10.45 0.75 8.00
C ARG A 327 -10.61 2.23 8.12
N GLU A 328 -11.00 2.68 9.31
CA GLU A 328 -11.20 4.10 9.54
C GLU A 328 -9.92 4.89 9.61
N SER A 329 -8.80 4.24 9.95
CA SER A 329 -7.51 4.92 9.80
C SER A 329 -7.10 5.05 8.31
N ILE A 330 -7.45 4.05 7.51
CA ILE A 330 -7.21 4.19 6.06
C ILE A 330 -8.16 5.20 5.43
N ARG A 331 -9.39 5.19 5.88
CA ARG A 331 -10.33 6.28 5.49
C ARG A 331 -9.81 7.71 5.72
N ARG A 332 -9.39 7.96 6.94
CA ARG A 332 -8.97 9.31 7.38
C ARG A 332 -7.63 9.71 6.74
N ASP A 333 -6.68 8.79 6.67
CA ASP A 333 -5.37 9.04 6.02
C ASP A 333 -4.95 7.90 5.11
N PRO A 334 -5.48 7.88 3.85
CA PRO A 334 -5.17 6.82 2.90
C PRO A 334 -3.72 6.96 2.52
N PRO A 335 -2.95 5.89 2.52
CA PRO A 335 -1.51 6.09 2.26
C PRO A 335 -1.19 6.39 0.78
N LEU A 336 -2.07 5.95 -0.11
CA LEU A 336 -1.92 6.32 -1.54
C LEU A 336 -2.96 7.37 -1.85
N LEU A 337 -2.52 8.58 -2.22
CA LEU A 337 -3.43 9.69 -2.38
C LEU A 337 -4.19 9.63 -3.71
N MET A 338 -3.68 8.90 -4.69
CA MET A 338 -4.25 8.88 -6.05
C MET A 338 -4.17 7.53 -6.71
N VAL A 339 -5.21 7.11 -7.40
CA VAL A 339 -5.16 5.90 -8.28
C VAL A 339 -5.22 6.58 -9.67
N MET A 340 -4.38 6.14 -10.60
CA MET A 340 -4.27 6.84 -11.87
C MET A 340 -4.19 5.84 -12.98
N ARG A 341 -4.63 6.23 -14.17
CA ARG A 341 -4.53 5.37 -15.33
C ARG A 341 -4.33 6.22 -16.56
N MET A 342 -3.76 5.69 -17.63
CA MET A 342 -3.66 6.38 -18.92
C MET A 342 -4.86 6.06 -19.79
N VAL A 343 -5.60 7.06 -20.19
CA VAL A 343 -6.71 6.80 -21.11
C VAL A 343 -6.22 6.35 -22.54
N LYS A 344 -6.37 5.06 -22.85
CA LYS A 344 -6.03 4.47 -24.15
C LYS A 344 -7.13 4.57 -25.20
N ALA A 345 -8.36 4.77 -24.76
CA ALA A 345 -9.50 5.05 -25.65
C ALA A 345 -10.47 5.85 -24.83
N GLU A 346 -11.17 6.77 -25.45
CA GLU A 346 -11.91 7.74 -24.70
C GLU A 346 -13.02 7.16 -23.84
N VAL A 347 -13.37 7.82 -22.74
CA VAL A 347 -14.33 7.23 -21.84
C VAL A 347 -15.26 8.25 -21.30
N LYS A 348 -16.51 7.85 -21.05
CA LYS A 348 -17.53 8.74 -20.45
C LYS A 348 -17.44 8.76 -18.92
N VAL A 349 -17.68 9.93 -18.35
CA VAL A 349 -17.69 10.08 -16.95
C VAL A 349 -18.71 11.14 -16.80
N GLY A 350 -19.89 10.74 -16.32
CA GLY A 350 -21.06 11.67 -16.18
C GLY A 350 -21.43 12.32 -17.51
N SER A 351 -21.69 13.61 -17.47
CA SER A 351 -21.89 14.34 -18.72
C SER A 351 -20.59 14.69 -19.51
N TYR A 352 -19.44 14.03 -19.23
CA TYR A 352 -18.19 14.42 -19.88
C TYR A 352 -17.61 13.27 -20.60
N VAL A 353 -16.69 13.53 -21.53
CA VAL A 353 -15.84 12.46 -22.10
C VAL A 353 -14.41 12.90 -21.79
N VAL A 354 -13.56 11.92 -21.49
CA VAL A 354 -12.20 12.13 -21.11
C VAL A 354 -11.37 11.48 -22.23
N PRO A 355 -10.59 12.30 -22.97
CA PRO A 355 -10.01 11.84 -24.21
C PRO A 355 -8.84 10.97 -24.02
N LYS A 356 -8.49 10.24 -25.08
CA LYS A 356 -7.26 9.46 -25.09
C LYS A 356 -5.99 10.34 -24.85
N GLY A 357 -5.00 9.79 -24.21
CA GLY A 357 -3.79 10.48 -23.81
C GLY A 357 -3.85 11.18 -22.48
N ASP A 358 -5.03 11.58 -22.04
CA ASP A 358 -5.17 12.03 -20.63
C ASP A 358 -4.78 10.98 -19.64
N ILE A 359 -4.24 11.45 -18.55
CA ILE A 359 -4.17 10.66 -17.33
C ILE A 359 -5.51 10.89 -16.61
N ILE A 360 -6.15 9.78 -16.24
CA ILE A 360 -7.40 9.88 -15.48
C ILE A 360 -7.05 9.33 -14.09
N ALA A 361 -7.48 10.08 -13.08
CA ALA A 361 -7.24 9.80 -11.70
C ALA A 361 -8.48 9.89 -10.83
N CYS A 362 -8.46 9.06 -9.80
CA CYS A 362 -9.41 9.08 -8.71
C CYS A 362 -8.60 9.09 -7.39
N SER A 363 -8.98 9.93 -6.43
CA SER A 363 -8.15 10.21 -5.25
C SER A 363 -8.82 9.67 -4.01
N PRO A 364 -8.24 8.63 -3.42
CA PRO A 364 -8.79 8.24 -2.10
C PRO A 364 -8.81 9.35 -1.04
N LEU A 365 -7.82 10.25 -1.08
CA LEU A 365 -7.85 11.35 -0.16
C LEU A 365 -9.08 12.25 -0.31
N LEU A 366 -9.27 12.75 -1.53
CA LEU A 366 -10.32 13.69 -1.86
C LEU A 366 -11.65 13.02 -1.56
N SER A 367 -11.76 11.77 -1.94
CA SER A 367 -12.99 11.07 -1.74
C SER A 367 -13.33 10.67 -0.29
N HIS A 368 -12.33 10.27 0.48
CA HIS A 368 -12.54 10.02 1.92
C HIS A 368 -12.83 11.30 2.74
N HIS A 369 -12.60 12.50 2.18
CA HIS A 369 -12.94 13.75 2.85
C HIS A 369 -14.11 14.47 2.25
N ASP A 370 -14.89 13.79 1.46
CA ASP A 370 -16.07 14.41 0.93
C ASP A 370 -17.14 14.39 2.06
N GLU A 371 -17.67 15.55 2.41
CA GLU A 371 -18.62 15.71 3.56
C GLU A 371 -19.94 14.92 3.42
N GLU A 372 -20.40 14.71 2.19
CA GLU A 372 -21.59 13.93 1.90
C GLU A 372 -21.30 12.46 2.23
N ALA A 373 -20.14 11.96 1.78
CA ALA A 373 -19.75 10.57 2.04
C ALA A 373 -19.31 10.30 3.50
N PHE A 374 -18.60 11.25 4.05
CA PHE A 374 -17.99 11.02 5.38
C PHE A 374 -18.20 12.31 6.19
N PRO A 375 -19.41 12.41 6.72
CA PRO A 375 -19.76 13.60 7.53
C PRO A 375 -18.74 13.83 8.64
N ASN A 376 -18.27 15.06 8.73
CA ASN A 376 -17.21 15.43 9.67
C ASN A 376 -15.97 14.60 9.41
N PRO A 377 -15.37 14.85 8.26
CA PRO A 377 -14.35 13.93 7.77
C PRO A 377 -13.02 13.99 8.54
N ARG A 378 -12.77 15.04 9.31
CA ARG A 378 -11.55 15.11 10.12
C ARG A 378 -11.63 14.30 11.39
N LEU A 379 -12.83 13.84 11.74
CA LEU A 379 -12.97 13.00 12.93
C LEU A 379 -12.67 11.55 12.59
N TRP A 380 -11.82 10.92 13.40
CA TRP A 380 -11.56 9.52 13.33
C TRP A 380 -12.63 8.85 14.16
N ASP A 381 -13.54 8.15 13.50
CA ASP A 381 -14.60 7.52 14.22
C ASP A 381 -14.81 6.13 13.72
N PRO A 382 -14.38 5.14 14.49
CA PRO A 382 -14.43 3.76 13.93
C PRO A 382 -15.82 3.16 13.72
N GLU A 383 -16.82 3.84 14.26
CA GLU A 383 -18.20 3.35 14.14
C GLU A 383 -18.91 3.95 12.94
N ARG A 384 -18.33 4.94 12.27
CA ARG A 384 -18.97 5.53 11.11
C ARG A 384 -19.23 4.51 9.98
N ASP A 385 -20.15 4.83 9.08
CA ASP A 385 -20.37 4.09 7.83
C ASP A 385 -20.33 5.12 6.71
N GLU A 386 -19.91 4.72 5.51
CA GLU A 386 -20.06 5.59 4.32
C GLU A 386 -21.53 5.96 4.05
N LYS A 387 -21.77 7.23 3.69
CA LYS A 387 -23.10 7.66 3.28
C LYS A 387 -23.25 7.55 1.78
N VAL A 388 -22.14 7.25 1.09
CA VAL A 388 -22.17 7.05 -0.37
C VAL A 388 -21.53 5.73 -0.63
N ASP A 389 -22.25 4.91 -1.36
CA ASP A 389 -21.83 3.55 -1.64
C ASP A 389 -20.62 3.60 -2.64
N GLY A 390 -19.53 2.90 -2.30
CA GLY A 390 -18.25 2.93 -3.01
C GLY A 390 -17.35 4.13 -2.75
N ALA A 391 -17.64 4.94 -1.74
CA ALA A 391 -16.79 6.11 -1.51
C ALA A 391 -15.44 5.78 -0.77
N PHE A 392 -15.41 4.67 -0.02
CA PHE A 392 -14.21 4.08 0.49
C PHE A 392 -13.48 3.38 -0.65
N ILE A 393 -12.32 3.93 -0.97
CA ILE A 393 -11.44 3.40 -1.99
C ILE A 393 -9.97 3.34 -1.55
N GLY A 394 -9.77 3.06 -0.26
CA GLY A 394 -8.46 2.90 0.37
C GLY A 394 -7.56 1.87 -0.34
N PHE A 395 -8.22 0.79 -0.80
CA PHE A 395 -7.67 -0.32 -1.57
C PHE A 395 -8.17 -0.37 -3.03
N GLY A 396 -8.56 0.78 -3.56
CA GLY A 396 -9.23 0.76 -4.83
C GLY A 396 -10.55 -0.02 -4.85
N ALA A 397 -10.92 -0.44 -6.02
CA ALA A 397 -12.21 -1.03 -6.27
C ALA A 397 -12.17 -1.71 -7.63
N GLY A 398 -13.18 -2.55 -7.82
CA GLY A 398 -13.43 -3.16 -9.08
C GLY A 398 -12.43 -4.25 -9.27
N VAL A 399 -12.11 -4.41 -10.53
CA VAL A 399 -11.54 -5.66 -10.96
C VAL A 399 -10.07 -5.55 -10.61
N HIS A 400 -9.53 -4.33 -10.67
CA HIS A 400 -8.14 -4.01 -10.31
C HIS A 400 -7.82 -3.66 -8.82
N LYS A 401 -8.72 -3.99 -7.94
CA LYS A 401 -8.59 -3.76 -6.54
C LYS A 401 -7.30 -4.35 -5.94
N CYS A 402 -6.77 -3.76 -4.87
CA CYS A 402 -5.55 -4.24 -4.26
C CYS A 402 -5.58 -5.76 -4.05
N ILE A 403 -4.62 -6.47 -4.60
CA ILE A 403 -4.56 -7.87 -4.40
C ILE A 403 -3.80 -8.22 -3.13
N GLY A 404 -3.18 -7.25 -2.48
CA GLY A 404 -2.60 -7.56 -1.16
C GLY A 404 -3.45 -7.21 0.06
N GLN A 405 -4.66 -6.76 -0.17
CA GLN A 405 -5.52 -6.25 0.87
C GLN A 405 -5.71 -7.24 2.07
N LYS A 406 -5.99 -8.51 1.80
CA LYS A 406 -6.24 -9.51 2.86
C LYS A 406 -4.97 -9.83 3.59
N PHE A 407 -3.87 -9.97 2.86
CA PHE A 407 -2.58 -10.14 3.57
C PHE A 407 -2.23 -8.90 4.43
N ALA A 408 -2.47 -7.67 3.92
CA ALA A 408 -2.07 -6.47 4.64
C ALA A 408 -2.90 -6.40 5.94
N LEU A 409 -4.20 -6.66 5.81
CA LEU A 409 -5.13 -6.55 6.94
C LEU A 409 -4.81 -7.63 8.02
N LEU A 410 -4.33 -8.78 7.60
CA LEU A 410 -4.00 -9.86 8.53
C LEU A 410 -2.80 -9.45 9.37
N GLN A 411 -1.77 -8.92 8.70
CA GLN A 411 -0.61 -8.41 9.36
C GLN A 411 -0.95 -7.29 10.34
N VAL A 412 -1.64 -6.26 9.86
CA VAL A 412 -1.96 -5.13 10.69
C VAL A 412 -2.78 -5.57 11.91
N LYS A 413 -3.78 -6.45 11.71
CA LYS A 413 -4.69 -6.83 12.79
C LYS A 413 -3.92 -7.68 13.83
N THR A 414 -3.12 -8.60 13.35
CA THR A 414 -2.31 -9.41 14.20
C THR A 414 -1.33 -8.55 15.02
N ILE A 415 -0.66 -7.60 14.38
CA ILE A 415 0.29 -6.77 15.13
C ILE A 415 -0.47 -5.96 16.19
N LEU A 416 -1.61 -5.37 15.80
CA LEU A 416 -2.44 -4.60 16.72
C LEU A 416 -2.86 -5.44 17.92
N ALA A 417 -3.32 -6.66 17.65
CA ALA A 417 -3.85 -7.46 18.76
C ALA A 417 -2.71 -7.92 19.70
N THR A 418 -1.57 -8.31 19.15
CA THR A 418 -0.43 -8.71 19.95
C THR A 418 0.19 -7.57 20.76
N ALA A 419 0.30 -6.38 20.18
CA ALA A 419 0.95 -5.32 20.85
C ALA A 419 0.10 -4.76 21.96
N PHE A 420 -1.19 -4.53 21.71
CA PHE A 420 -1.99 -3.83 22.73
C PHE A 420 -2.32 -4.80 23.89
N ARG A 421 -2.21 -6.10 23.64
CA ARG A 421 -2.46 -7.06 24.66
C ARG A 421 -1.33 -7.01 25.69
N GLU A 422 -0.13 -6.69 25.24
CA GLU A 422 1.07 -6.78 26.06
C GLU A 422 1.61 -5.45 26.55
N TYR A 423 1.18 -4.35 25.96
CA TYR A 423 1.77 -3.06 26.23
C TYR A 423 0.68 -2.00 26.25
N ASP A 424 0.91 -0.93 27.04
CA ASP A 424 0.17 0.31 26.93
C ASP A 424 1.07 1.26 26.20
N PHE A 425 0.48 2.26 25.56
CA PHE A 425 1.22 3.27 24.84
C PHE A 425 0.74 4.66 25.12
N GLN A 426 1.67 5.60 25.07
CA GLN A 426 1.30 6.94 25.18
C GLN A 426 2.09 7.75 24.18
N LEU A 427 1.35 8.57 23.44
CA LEU A 427 1.89 9.47 22.48
C LEU A 427 2.52 10.63 23.26
N LEU A 428 3.75 10.99 22.90
CA LEU A 428 4.50 12.04 23.60
C LEU A 428 4.40 13.44 22.97
N ARG A 429 3.20 13.78 22.56
CA ARG A 429 2.82 15.11 22.13
C ARG A 429 1.26 15.08 22.27
N ASP A 430 0.64 16.25 22.23
CA ASP A 430 -0.80 16.37 22.53
C ASP A 430 -1.74 15.90 21.43
N GLU A 431 -1.42 16.25 20.20
CA GLU A 431 -2.27 15.97 19.06
C GLU A 431 -1.74 14.75 18.26
N VAL A 432 -2.63 14.08 17.57
CA VAL A 432 -2.20 13.05 16.65
C VAL A 432 -1.27 13.74 15.65
N PRO A 433 -0.19 13.04 15.26
CA PRO A 433 0.72 13.52 14.22
C PRO A 433 0.03 14.00 12.93
N ASP A 434 0.60 15.02 12.32
CA ASP A 434 0.17 15.44 10.98
C ASP A 434 0.69 14.46 9.96
N PRO A 435 -0.09 14.21 8.91
CA PRO A 435 0.42 13.47 7.78
C PRO A 435 1.51 14.29 7.19
N ASP A 436 2.50 13.65 6.62
CA ASP A 436 3.54 14.30 5.82
C ASP A 436 3.22 13.96 4.38
N TYR A 437 2.75 14.93 3.62
CA TYR A 437 2.31 14.68 2.25
C TYR A 437 3.43 14.77 1.23
N HIS A 438 4.70 14.90 1.65
CA HIS A 438 5.80 15.04 0.71
C HIS A 438 6.25 13.77 0.04
N THR A 439 5.97 12.60 0.62
CA THR A 439 6.53 11.29 0.22
C THR A 439 5.58 10.58 -0.72
N MET A 440 6.04 9.53 -1.36
CA MET A 440 5.26 8.76 -2.31
C MET A 440 4.11 8.08 -1.61
N VAL A 441 4.42 7.27 -0.60
CA VAL A 441 3.36 6.75 0.26
C VAL A 441 3.26 7.69 1.44
N VAL A 442 2.03 8.13 1.76
CA VAL A 442 1.86 9.17 2.70
C VAL A 442 1.52 8.57 4.07
N GLY A 443 2.27 8.99 5.09
CA GLY A 443 1.92 8.59 6.46
C GLY A 443 2.15 9.70 7.51
N PRO A 444 2.21 9.31 8.79
CA PRO A 444 2.42 10.30 9.81
C PRO A 444 3.84 10.88 9.77
N THR A 445 3.96 12.15 10.08
CA THR A 445 5.27 12.76 10.15
C THR A 445 6.18 12.01 11.13
N LEU A 446 7.37 11.62 10.66
CA LEU A 446 8.30 10.72 11.41
C LEU A 446 8.68 11.26 12.81
N ASN A 447 9.12 12.52 12.87
CA ASN A 447 9.54 13.12 14.18
C ASN A 447 8.44 13.43 15.12
N GLN A 448 7.19 13.26 14.70
CA GLN A 448 6.05 13.34 15.64
C GLN A 448 5.60 11.97 16.13
N CYS A 449 6.29 10.89 15.74
CA CYS A 449 5.89 9.55 16.17
C CYS A 449 6.59 8.96 17.40
N LEU A 450 7.17 9.80 18.27
CA LEU A 450 7.68 9.35 19.58
C LEU A 450 6.56 8.91 20.52
N VAL A 451 6.73 7.71 21.04
CA VAL A 451 5.76 7.11 21.90
C VAL A 451 6.51 6.45 23.07
N LYS A 452 5.83 6.42 24.22
CA LYS A 452 6.35 5.69 25.36
C LYS A 452 5.57 4.36 25.58
N TYR A 453 6.23 3.21 25.47
CA TYR A 453 5.55 1.98 25.79
C TYR A 453 5.59 1.73 27.33
N THR A 454 4.62 0.99 27.86
CA THR A 454 4.68 0.45 29.22
C THR A 454 4.22 -0.98 29.17
N ARG A 455 5.10 -1.88 29.58
CA ARG A 455 4.86 -3.32 29.68
C ARG A 455 3.68 -3.53 30.63
N LYS A 456 2.66 -4.28 30.21
CA LYS A 456 1.47 -4.48 31.02
C LYS A 456 1.72 -5.50 32.14
N LYS A 457 1.02 -5.37 33.29
CA LYS A 457 1.17 -6.32 34.44
C LYS A 457 0.78 -7.77 34.03
N LYS A 458 1.79 -8.66 33.99
CA LYS A 458 1.78 -9.97 33.26
C LYS A 458 0.58 -10.90 33.56
#